data_7QP2
#
_entry.id   7QP2
#
_cell.length_a   29.480
_cell.length_b   29.480
_cell.length_c   76.490
_cell.angle_alpha   90.000
_cell.angle_beta   90.000
_cell.angle_gamma   90.000
#
_symmetry.space_group_name_H-M   'P 43'
#
loop_
_entity.id
_entity.type
_entity.pdbx_description
1 polymer 'RNA (27-MER)'
2 non-polymer GLYCEROL
3 water water
#
_entity_poly.entity_id   1
_entity_poly.type   'polyribonucleotide'
_entity_poly.pdbx_seq_one_letter_code
;UGCUCCUA(EQ0)UACGAGAGGACCGGAGUG
;
_entity_poly.pdbx_strand_id   A
#
loop_
_chem_comp.id
_chem_comp.type
_chem_comp.name
_chem_comp.formula
A RNA linking ADENOSINE-5'-MONOPHOSPHATE 'C10 H14 N5 O7 P'
C RNA linking CYTIDINE-5'-MONOPHOSPHATE 'C9 H14 N3 O8 P'
EQ0 RNA linking '[(2~{R},3~{S},4~{R},5~{R})-5-(5-azanyl-7-oxidanyl-imidazo[4,5-b]pyridin-3-yl)-3,4-bis(oxidanyl)oxolan-2-yl]methyl dihydrogen phosphate' 'C11 H15 N4 O8 P'
G RNA linking GUANOSINE-5'-MONOPHOSPHATE 'C10 H14 N5 O8 P'
GOL non-polymer GLYCEROL 'C3 H8 O3'
U RNA linking URIDINE-5'-MONOPHOSPHATE 'C9 H13 N2 O9 P'
#
# COMPACT_ATOMS: atom_id res chain seq x y z
C1 EQ0 A 9 2.67 -5.97 -1.14
C2 EQ0 A 9 3.30 -5.32 -2.22
C4 EQ0 A 9 1.59 -5.61 -3.68
C5 EQ0 A 9 0.86 -6.28 -2.67
C6 EQ0 A 9 1.39 -6.46 -1.43
C1' EQ0 A 9 1.32 -5.01 -5.98
C2' EQ0 A 9 0.76 -5.64 -7.25
C3' EQ0 A 9 1.20 -4.60 -8.28
C4' EQ0 A 9 0.87 -3.31 -7.54
C5' EQ0 A 9 -0.50 -2.81 -7.93
C8 EQ0 A 9 -0.29 -6.14 -4.61
N2 EQ0 A 9 4.62 -4.81 -2.01
N3 EQ0 A 9 2.81 -5.11 -3.47
N7 EQ0 A 9 -0.47 -6.65 -3.35
N9 EQ0 A 9 0.83 -5.58 -4.70
O2' EQ0 A 9 1.27 -6.93 -7.50
O3' EQ0 A 9 2.59 -4.65 -8.46
O4' EQ0 A 9 0.96 -3.65 -6.11
O5' EQ0 A 9 -0.87 -1.60 -7.29
O6 EQ0 A 9 0.65 -7.12 -0.46
OP1 EQ0 A 9 -0.15 -0.07 -9.28
OP2 EQ0 A 9 -1.40 0.76 -7.19
P EQ0 A 9 -0.49 -0.16 -7.87
H1 EQ0 A 9 3.06 -6.07 -0.30
H1' EQ0 A 9 2.28 -5.08 -5.95
H2' EQ0 A 9 -0.20 -5.70 -7.19
H3' EQ0 A 9 0.62 -4.68 -9.05
H4' EQ0 A 9 1.53 -2.61 -7.68
H5'' EQ0 A 9 -1.15 -3.49 -7.70
H5' EQ0 A 9 -0.51 -2.65 -8.89
H8 EQ0 A 9 -0.90 -6.22 -5.31
H22 EQ0 A 9 5.07 -4.47 -2.66
H21 EQ0 A 9 4.97 -4.83 -1.22
HO2' EQ0 A 9 1.37 -7.34 -6.76
C1 GOL B . -1.51 11.37 12.58
O1 GOL B . -1.68 12.33 11.56
C2 GOL B . -2.79 10.56 12.77
O2 GOL B . -2.50 9.45 13.57
C3 GOL B . -3.87 11.41 13.44
O3 GOL B . -4.70 10.63 14.25
H11 GOL B . -1.30 11.83 13.41
H12 GOL B . -0.79 10.78 12.33
HO1 GOL B . -2.51 12.46 11.42
H2 GOL B . -3.13 10.28 11.90
HO2 GOL B . -2.08 9.70 14.25
H31 GOL B . -3.43 12.08 14.00
H32 GOL B . -4.39 11.86 12.76
HO3 GOL B . -5.01 11.10 14.89
#